data_1MXD
#
_entry.id   1MXD
#
_cell.length_a   62.837
_cell.length_b   77.207
_cell.length_c   106.569
_cell.angle_alpha   90.00
_cell.angle_beta   90.00
_cell.angle_gamma   90.00
#
_symmetry.space_group_name_H-M   'P 21 21 21'
#
loop_
_entity.id
_entity.type
_entity.pdbx_description
1 polymer 'alpha amylase'
2 branched 4,6-dideoxy-4-{[(1S,4R,5S,6S)-4,5,6-trihydroxy-3-(hydroxymethyl)cyclohex-2-en-1-yl]amino}-alpha-D-glucopyranose-(1-4)-alpha-D-glucopyranose-(1-4)-alpha-D-glucopyranose
3 non-polymer 'ZINC ION'
4 non-polymer 'CALCIUM ION'
5 non-polymer alpha-D-glucopyranose
6 non-polymer 'ACETATE ION'
7 water water
#
_entity_poly.entity_id   1
_entity_poly.type   'polypeptide(L)'
_entity_poly.pdbx_seq_one_letter_code
;AKYLELEEGGVIMQAFYWDVPGGGIWWDHIRSKIPEWYEAGISAIWLPPPSKGMSGGYSMGYDPYDYFDLGEYYQKGTVE
TRFGSKEELVRLIQTAHAYGIKVIADVVINHRAGGDLEWNPFVGDYTWTDFSKVASGKYTANYLDFHPNELHCCDEGTFG
GFPDICHHKEWDQYWLWKSNESYAAYLRSIGFDGWRFDYVKGYGAWVVRDWLNWWGGWAVGEYWDTNVDALLSWAYESGA
KVFDFPLYYKMDEAFDNNNIPALVYALQNGQTVVSRDPFKAVTFVANHDTDIIWNKYPAYAFILTYEGQPVIFYRDFEEW
LNKDKLINLIWIHDHLAGGSTTIVYYDNDELIFVRNGDSRRPGLITYINLSPNWVGRWVYVPKFAGACIHEYTGNLGGWV
DKRVDSSGWVYLEAPPHDPANGYYGYSVWSYCGVG
;
_entity_poly.pdbx_strand_id   A
#
loop_
_chem_comp.id
_chem_comp.type
_chem_comp.name
_chem_comp.formula
AC1 D-saccharide 4,6-dideoxy-4-{[(1S,4R,5S,6S)-4,5,6-trihydroxy-3-(hydroxymethyl)cyclohex-2-en-1-yl]amino}-alpha-D-glucopyranose 'C13 H23 N O8'
ACT non-polymer 'ACETATE ION' 'C2 H3 O2 -1'
CA non-polymer 'CALCIUM ION' 'Ca 2'
GLC D-saccharide, alpha linking alpha-D-glucopyranose 'C6 H12 O6'
ZN non-polymer 'ZINC ION' 'Zn 2'
#
# COMPACT_ATOMS: atom_id res chain seq x y z
N ALA A 1 12.95 3.85 11.89
CA ALA A 1 11.59 4.40 12.17
C ALA A 1 11.38 4.39 13.67
N LYS A 2 10.34 5.10 14.14
CA LYS A 2 10.07 5.20 15.57
C LYS A 2 9.71 3.87 16.22
N TYR A 3 8.85 3.10 15.57
CA TYR A 3 8.41 1.80 16.08
C TYR A 3 8.97 0.69 15.19
N LEU A 4 8.11 -0.04 14.50
CA LEU A 4 8.57 -1.11 13.62
C LEU A 4 9.14 -0.57 12.32
N GLU A 5 10.11 -1.30 11.76
CA GLU A 5 10.72 -0.93 10.49
C GLU A 5 9.89 -1.54 9.35
N LEU A 6 10.06 -1.00 8.14
CA LEU A 6 9.35 -1.52 6.98
C LEU A 6 9.56 -3.02 6.82
N GLU A 7 10.82 -3.46 6.87
CA GLU A 7 11.15 -4.87 6.73
C GLU A 7 10.59 -5.72 7.87
N GLU A 8 10.12 -5.06 8.94
CA GLU A 8 9.55 -5.76 10.08
C GLU A 8 8.02 -5.74 10.06
N GLY A 9 7.45 -5.33 8.93
CA GLY A 9 6.00 -5.28 8.81
C GLY A 9 5.42 -3.95 9.26
N GLY A 10 6.25 -2.91 9.34
CA GLY A 10 5.78 -1.61 9.76
C GLY A 10 4.71 -1.03 8.86
N VAL A 11 3.97 -0.06 9.37
CA VAL A 11 2.90 0.57 8.61
C VAL A 11 3.49 1.46 7.50
N ILE A 12 2.80 1.46 6.36
CA ILE A 12 3.20 2.24 5.20
C ILE A 12 2.18 3.31 4.87
N MET A 13 2.65 4.49 4.46
CA MET A 13 1.75 5.56 4.08
C MET A 13 1.79 5.77 2.56
N GLN A 14 0.64 5.64 1.90
CA GLN A 14 0.61 5.93 0.47
C GLN A 14 0.52 7.45 0.48
N ALA A 15 1.63 8.11 0.18
CA ALA A 15 1.73 9.56 0.22
C ALA A 15 1.16 10.33 -0.97
N PHE A 16 0.00 9.91 -1.46
CA PHE A 16 -0.64 10.59 -2.58
C PHE A 16 -2.02 10.01 -2.86
N TYR A 17 -2.70 10.62 -3.83
CA TYR A 17 -4.02 10.19 -4.25
C TYR A 17 -4.20 10.69 -5.68
N TRP A 18 -5.28 10.30 -6.35
CA TRP A 18 -5.46 10.73 -7.73
C TRP A 18 -5.63 12.23 -7.89
N ASP A 19 -4.80 12.80 -8.77
CA ASP A 19 -4.80 14.23 -9.06
C ASP A 19 -4.56 15.13 -7.85
N VAL A 20 -3.41 14.97 -7.21
CA VAL A 20 -3.08 15.81 -6.08
C VAL A 20 -2.85 17.20 -6.67
N PRO A 21 -2.91 18.25 -5.85
CA PRO A 21 -2.71 19.62 -6.34
C PRO A 21 -1.45 19.70 -7.22
N GLY A 22 -1.59 20.29 -8.40
CA GLY A 22 -0.46 20.41 -9.30
C GLY A 22 0.42 21.59 -8.96
N GLY A 23 1.20 22.03 -9.94
CA GLY A 23 2.08 23.17 -9.73
C GLY A 23 3.45 22.79 -9.18
N GLY A 24 3.71 21.49 -9.05
CA GLY A 24 4.99 21.03 -8.54
C GLY A 24 5.24 21.25 -7.06
N ILE A 25 4.18 21.22 -6.26
CA ILE A 25 4.33 21.44 -4.82
C ILE A 25 4.23 20.17 -3.97
N TRP A 26 3.93 19.03 -4.59
CA TRP A 26 3.76 17.81 -3.81
C TRP A 26 4.99 17.29 -3.05
N TRP A 27 6.15 17.23 -3.69
CA TRP A 27 7.34 16.74 -3.00
C TRP A 27 7.63 17.54 -1.71
N ASP A 28 7.58 18.88 -1.80
CA ASP A 28 7.82 19.72 -0.62
C ASP A 28 6.73 19.53 0.41
N HIS A 29 5.49 19.45 -0.07
CA HIS A 29 4.35 19.28 0.80
C HIS A 29 4.51 18.01 1.63
N ILE A 30 4.90 16.92 0.99
CA ILE A 30 5.09 15.65 1.70
C ILE A 30 6.30 15.74 2.62
N ARG A 31 7.35 16.41 2.18
CA ARG A 31 8.56 16.55 3.00
C ARG A 31 8.24 17.21 4.33
N SER A 32 7.35 18.21 4.30
CA SER A 32 6.99 18.93 5.52
C SER A 32 6.22 18.05 6.51
N LYS A 33 5.66 16.94 6.02
CA LYS A 33 4.89 16.03 6.87
C LYS A 33 5.73 14.94 7.54
N ILE A 34 6.97 14.75 7.07
CA ILE A 34 7.82 13.70 7.62
C ILE A 34 7.98 13.71 9.13
N PRO A 35 8.26 14.88 9.74
CA PRO A 35 8.40 14.86 11.20
C PRO A 35 7.14 14.34 11.90
N GLU A 36 5.98 14.79 11.43
CA GLU A 36 4.72 14.33 12.01
C GLU A 36 4.50 12.85 11.77
N TRP A 37 4.78 12.40 10.55
CA TRP A 37 4.59 10.98 10.23
C TRP A 37 5.55 10.11 11.01
N TYR A 38 6.75 10.63 11.27
CA TYR A 38 7.72 9.87 12.06
C TYR A 38 7.14 9.67 13.45
N GLU A 39 6.63 10.75 14.05
CA GLU A 39 6.05 10.67 15.38
C GLU A 39 4.85 9.74 15.40
N ALA A 40 4.12 9.69 14.29
CA ALA A 40 2.94 8.86 14.17
C ALA A 40 3.28 7.38 14.06
N GLY A 41 4.55 7.07 13.81
CA GLY A 41 4.95 5.68 13.71
C GLY A 41 4.99 5.10 12.31
N ILE A 42 4.88 5.95 11.30
CA ILE A 42 4.93 5.50 9.91
C ILE A 42 6.34 4.96 9.62
N SER A 43 6.42 3.77 9.03
CA SER A 43 7.73 3.17 8.75
C SER A 43 8.24 3.40 7.33
N ALA A 44 7.33 3.72 6.43
CA ALA A 44 7.72 3.94 5.05
C ALA A 44 6.70 4.76 4.29
N ILE A 45 7.15 5.42 3.22
CA ILE A 45 6.24 6.21 2.40
C ILE A 45 6.34 5.74 0.96
N TRP A 46 5.17 5.51 0.35
CA TRP A 46 5.10 5.08 -1.03
C TRP A 46 4.74 6.33 -1.82
N LEU A 47 5.66 6.72 -2.70
CA LEU A 47 5.48 7.91 -3.53
C LEU A 47 4.97 7.58 -4.93
N PRO A 48 4.28 8.53 -5.57
CA PRO A 48 3.76 8.29 -6.92
C PRO A 48 4.92 8.21 -7.91
N PRO A 49 4.66 7.70 -9.14
CA PRO A 49 5.70 7.58 -10.18
C PRO A 49 6.37 8.94 -10.30
N PRO A 50 7.70 9.00 -10.13
CA PRO A 50 8.47 10.24 -10.20
C PRO A 50 8.95 10.78 -11.54
N SER A 51 8.80 10.01 -12.61
CA SER A 51 9.28 10.46 -13.91
C SER A 51 8.35 11.37 -14.71
N LYS A 52 8.94 12.11 -15.65
CA LYS A 52 8.20 13.03 -16.51
C LYS A 52 7.25 12.24 -17.41
N GLY A 53 5.97 12.57 -17.34
CA GLY A 53 5.00 11.87 -18.15
C GLY A 53 4.56 12.58 -19.42
N MET A 54 3.87 11.85 -20.29
CA MET A 54 3.35 12.39 -21.54
C MET A 54 2.53 13.65 -21.31
N SER A 55 1.69 13.64 -20.28
CA SER A 55 0.84 14.77 -20.02
C SER A 55 1.50 15.85 -19.16
N GLY A 56 2.83 15.85 -19.13
CA GLY A 56 3.60 16.83 -18.38
C GLY A 56 3.12 17.23 -17.00
N GLY A 57 2.78 18.51 -16.84
CA GLY A 57 2.31 19.02 -15.57
C GLY A 57 1.01 18.41 -15.05
N TYR A 58 0.24 17.76 -15.93
CA TYR A 58 -1.01 17.13 -15.51
C TYR A 58 -0.84 15.65 -15.18
N SER A 59 0.30 15.10 -15.57
CA SER A 59 0.59 13.69 -15.36
C SER A 59 0.68 13.22 -13.91
N MET A 60 0.11 12.06 -13.63
CA MET A 60 0.17 11.47 -12.30
C MET A 60 1.34 10.50 -12.25
N GLY A 61 2.06 10.38 -13.37
CA GLY A 61 3.21 9.51 -13.44
C GLY A 61 3.00 8.13 -14.06
N TYR A 62 1.75 7.79 -14.33
CA TYR A 62 1.44 6.49 -14.92
C TYR A 62 1.46 6.42 -16.44
N ASP A 63 1.95 7.49 -17.06
CA ASP A 63 2.10 7.60 -18.51
C ASP A 63 3.52 8.13 -18.73
N PRO A 64 4.51 7.43 -18.16
CA PRO A 64 5.92 7.82 -18.28
C PRO A 64 6.44 8.03 -19.70
N TYR A 65 7.16 9.14 -19.88
CA TYR A 65 7.75 9.48 -21.17
C TYR A 65 9.27 9.30 -21.09
N ASP A 66 9.91 10.10 -20.24
CA ASP A 66 11.37 10.03 -20.07
C ASP A 66 11.61 9.57 -18.64
N TYR A 67 11.94 8.29 -18.48
CA TYR A 67 12.18 7.72 -17.16
C TYR A 67 13.25 8.45 -16.38
N PHE A 68 14.28 8.93 -17.08
CA PHE A 68 15.39 9.60 -16.41
C PHE A 68 15.23 11.11 -16.22
N ASP A 69 14.00 11.59 -16.30
CA ASP A 69 13.70 12.99 -16.08
C ASP A 69 12.75 13.03 -14.88
N LEU A 70 13.29 13.30 -13.69
CA LEU A 70 12.48 13.36 -12.48
C LEU A 70 12.03 14.78 -12.17
N GLY A 71 11.91 15.60 -13.22
CA GLY A 71 11.50 16.99 -13.04
C GLY A 71 12.72 17.88 -13.12
N GLU A 72 13.57 17.59 -14.11
CA GLU A 72 14.83 18.31 -14.31
C GLU A 72 15.05 18.89 -15.71
N TYR A 73 14.25 18.49 -16.69
CA TYR A 73 14.40 19.02 -18.05
C TYR A 73 13.09 19.59 -18.58
N TYR A 74 13.16 20.65 -19.38
CA TYR A 74 11.93 21.20 -19.93
C TYR A 74 11.50 20.21 -21.00
N GLN A 75 10.36 19.57 -20.78
CA GLN A 75 9.85 18.56 -21.69
C GLN A 75 8.36 18.44 -21.42
N LYS A 76 7.58 18.24 -22.47
CA LYS A 76 6.13 18.11 -22.34
C LYS A 76 5.52 19.33 -21.66
N GLY A 77 6.05 20.50 -22.00
CA GLY A 77 5.55 21.75 -21.46
C GLY A 77 5.94 22.13 -20.04
N THR A 78 6.89 21.42 -19.44
CA THR A 78 7.27 21.72 -18.07
C THR A 78 8.62 21.14 -17.64
N VAL A 79 9.26 21.81 -16.68
CA VAL A 79 10.54 21.34 -16.17
C VAL A 79 10.23 20.32 -15.07
N GLU A 80 9.50 20.75 -14.05
CA GLU A 80 9.14 19.87 -12.94
C GLU A 80 8.00 18.97 -13.38
N THR A 81 7.88 17.81 -12.72
CA THR A 81 6.78 16.91 -13.02
C THR A 81 5.61 17.54 -12.28
N ARG A 82 4.45 16.90 -12.30
CA ARG A 82 3.30 17.46 -11.59
C ARG A 82 3.64 17.58 -10.10
N PHE A 83 4.48 16.68 -9.60
CA PHE A 83 4.84 16.64 -8.19
C PHE A 83 5.96 17.58 -7.73
N GLY A 84 6.89 17.90 -8.62
CA GLY A 84 7.97 18.79 -8.26
C GLY A 84 9.24 18.54 -9.07
N SER A 85 10.35 19.08 -8.59
CA SER A 85 11.63 18.92 -9.26
C SER A 85 12.40 17.72 -8.69
N LYS A 86 13.49 17.35 -9.34
CA LYS A 86 14.31 16.24 -8.89
C LYS A 86 14.88 16.49 -7.49
N GLU A 87 15.47 17.67 -7.29
CA GLU A 87 16.03 18.00 -5.99
C GLU A 87 14.99 17.95 -4.88
N GLU A 88 13.78 18.40 -5.15
CA GLU A 88 12.73 18.38 -4.15
C GLU A 88 12.45 16.92 -3.75
N LEU A 89 12.46 16.03 -4.74
CA LEU A 89 12.24 14.62 -4.46
C LEU A 89 13.41 14.09 -3.64
N VAL A 90 14.63 14.44 -4.04
CA VAL A 90 15.82 13.99 -3.32
C VAL A 90 15.81 14.49 -1.88
N ARG A 91 15.44 15.74 -1.69
CA ARG A 91 15.39 16.33 -0.35
C ARG A 91 14.35 15.61 0.51
N LEU A 92 13.26 15.19 -0.12
CA LEU A 92 12.20 14.47 0.58
C LEU A 92 12.75 13.15 1.09
N ILE A 93 13.44 12.42 0.21
CA ILE A 93 14.03 11.14 0.58
C ILE A 93 15.09 11.29 1.68
N GLN A 94 15.89 12.35 1.59
CA GLN A 94 16.92 12.60 2.59
C GLN A 94 16.28 12.86 3.95
N THR A 95 15.18 13.60 3.94
CA THR A 95 14.46 13.92 5.17
C THR A 95 13.83 12.65 5.76
N ALA A 96 13.30 11.79 4.90
CA ALA A 96 12.70 10.55 5.35
C ALA A 96 13.79 9.67 5.98
N HIS A 97 14.93 9.58 5.33
CA HIS A 97 16.03 8.77 5.86
C HIS A 97 16.61 9.32 7.16
N ALA A 98 16.57 10.64 7.31
CA ALA A 98 17.08 11.25 8.54
C ALA A 98 16.24 10.74 9.71
N TYR A 99 14.98 10.40 9.43
CA TYR A 99 14.08 9.88 10.45
C TYR A 99 13.93 8.38 10.40
N GLY A 100 14.79 7.72 9.63
CA GLY A 100 14.74 6.27 9.52
C GLY A 100 13.51 5.73 8.82
N ILE A 101 12.87 6.57 7.99
CA ILE A 101 11.69 6.16 7.24
C ILE A 101 12.11 5.77 5.83
N LYS A 102 11.68 4.61 5.37
CA LYS A 102 12.04 4.14 4.05
C LYS A 102 11.15 4.72 2.97
N VAL A 103 11.64 4.74 1.74
CA VAL A 103 10.88 5.30 0.63
C VAL A 103 10.68 4.25 -0.46
N ILE A 104 9.42 4.09 -0.88
CA ILE A 104 9.04 3.12 -1.91
C ILE A 104 8.75 3.81 -3.23
N ALA A 105 9.42 3.33 -4.28
CA ALA A 105 9.25 3.86 -5.64
C ALA A 105 8.16 3.12 -6.38
N ASP A 106 7.28 3.88 -7.02
CA ASP A 106 6.18 3.32 -7.80
C ASP A 106 6.74 3.11 -9.21
N VAL A 107 7.07 1.87 -9.55
CA VAL A 107 7.66 1.52 -10.83
C VAL A 107 6.63 1.20 -11.91
N VAL A 108 6.57 2.04 -12.94
CA VAL A 108 5.63 1.86 -14.05
C VAL A 108 6.40 1.42 -15.29
N ILE A 109 6.52 0.11 -15.48
CA ILE A 109 7.28 -0.38 -16.63
C ILE A 109 6.53 -1.27 -17.61
N ASN A 110 5.20 -1.30 -17.53
CA ASN A 110 4.47 -2.10 -18.48
C ASN A 110 4.34 -1.33 -19.79
N HIS A 111 4.19 -0.02 -19.67
CA HIS A 111 4.00 0.82 -20.83
C HIS A 111 4.72 2.15 -20.74
N ARG A 112 4.73 2.86 -21.86
CA ARG A 112 5.38 4.15 -21.97
C ARG A 112 4.44 5.04 -22.79
N ALA A 113 4.63 6.35 -22.73
CA ALA A 113 3.76 7.25 -23.47
C ALA A 113 4.42 8.54 -23.89
N GLY A 114 3.85 9.20 -24.89
CA GLY A 114 4.37 10.46 -25.37
C GLY A 114 5.39 10.37 -26.48
N GLY A 115 5.50 9.21 -27.11
CA GLY A 115 6.46 9.06 -28.19
C GLY A 115 5.99 9.72 -29.48
N ASP A 116 6.95 9.98 -30.38
CA ASP A 116 6.63 10.59 -31.67
C ASP A 116 6.08 9.56 -32.63
N LEU A 117 5.41 10.05 -33.68
CA LEU A 117 4.84 9.18 -34.69
C LEU A 117 5.97 8.53 -35.48
N GLU A 118 5.81 7.26 -35.82
CA GLU A 118 6.85 6.51 -36.52
C GLU A 118 6.27 5.30 -37.25
N TRP A 119 6.76 5.02 -38.46
CA TRP A 119 6.27 3.87 -39.20
C TRP A 119 6.66 2.57 -38.51
N ASN A 120 5.67 1.73 -38.25
CA ASN A 120 5.90 0.46 -37.57
C ASN A 120 5.78 -0.70 -38.57
N PRO A 121 6.90 -1.34 -38.90
CA PRO A 121 6.96 -2.46 -39.84
C PRO A 121 6.15 -3.70 -39.43
N PHE A 122 5.88 -3.84 -38.13
CA PHE A 122 5.12 -4.99 -37.65
C PHE A 122 3.63 -4.74 -37.48
N VAL A 123 3.26 -3.46 -37.38
CA VAL A 123 1.86 -3.11 -37.24
C VAL A 123 1.30 -2.76 -38.61
N GLY A 124 2.16 -2.29 -39.50
CA GLY A 124 1.73 -1.92 -40.83
C GLY A 124 1.04 -0.57 -40.81
N ASP A 125 1.46 0.29 -39.87
CA ASP A 125 0.89 1.61 -39.73
C ASP A 125 1.82 2.45 -38.85
N TYR A 126 1.48 3.71 -38.64
CA TYR A 126 2.30 4.57 -37.79
C TYR A 126 1.94 4.38 -36.32
N THR A 127 2.96 4.39 -35.46
CA THR A 127 2.76 4.23 -34.02
C THR A 127 3.58 5.27 -33.28
N TRP A 128 3.11 5.66 -32.10
CA TRP A 128 3.80 6.66 -31.28
C TRP A 128 4.86 5.96 -30.45
N THR A 129 5.82 5.36 -31.14
CA THR A 129 6.87 4.59 -30.49
C THR A 129 8.27 5.16 -30.59
N ASP A 130 8.41 6.33 -31.20
CA ASP A 130 9.70 6.97 -31.35
C ASP A 130 10.02 7.81 -30.11
N PHE A 131 10.93 7.31 -29.29
CA PHE A 131 11.34 7.99 -28.06
C PHE A 131 12.80 8.43 -28.12
N SER A 132 13.28 8.75 -29.32
CA SER A 132 14.67 9.17 -29.50
C SER A 132 14.95 10.58 -28.99
N LYS A 133 13.91 11.36 -28.77
CA LYS A 133 14.10 12.74 -28.33
C LYS A 133 13.98 13.01 -26.83
N VAL A 134 13.98 11.97 -26.00
CA VAL A 134 13.89 12.19 -24.55
C VAL A 134 15.08 13.08 -24.15
N ALA A 135 14.80 14.14 -23.42
CA ALA A 135 15.83 15.09 -23.01
C ALA A 135 17.00 14.52 -22.22
N SER A 136 16.74 13.49 -21.42
CA SER A 136 17.82 12.88 -20.64
C SER A 136 18.80 12.15 -21.55
N GLY A 137 18.34 11.79 -22.74
CA GLY A 137 19.20 11.07 -23.67
C GLY A 137 19.38 9.63 -23.20
N LYS A 138 18.70 9.26 -22.11
CA LYS A 138 18.80 7.91 -21.58
C LYS A 138 17.56 7.09 -21.89
N TYR A 139 17.79 5.82 -22.23
CA TYR A 139 16.72 4.89 -22.58
C TYR A 139 15.85 5.41 -23.72
N THR A 140 16.46 5.69 -24.86
CA THR A 140 15.70 6.11 -26.03
C THR A 140 15.08 4.80 -26.50
N ALA A 141 14.14 4.86 -27.43
CA ALA A 141 13.55 3.63 -27.93
C ALA A 141 12.75 3.85 -29.20
N ASN A 142 12.43 2.76 -29.88
CA ASN A 142 11.62 2.82 -31.08
C ASN A 142 10.71 1.59 -31.08
N TYR A 143 9.97 1.40 -32.16
CA TYR A 143 9.02 0.28 -32.25
C TYR A 143 9.58 -1.08 -31.84
N LEU A 144 10.88 -1.28 -31.96
CA LEU A 144 11.49 -2.55 -31.60
C LEU A 144 11.37 -2.87 -30.11
N ASP A 145 11.23 -1.82 -29.31
CA ASP A 145 11.14 -1.95 -27.86
C ASP A 145 9.74 -2.18 -27.34
N PHE A 146 8.78 -2.27 -28.26
CA PHE A 146 7.39 -2.49 -27.86
C PHE A 146 6.74 -3.62 -28.63
N HIS A 147 5.54 -3.99 -28.22
CA HIS A 147 4.78 -5.04 -28.88
C HIS A 147 3.91 -4.36 -29.92
N PRO A 148 3.82 -4.93 -31.14
CA PRO A 148 4.50 -6.15 -31.59
C PRO A 148 5.87 -5.87 -32.20
N ASN A 149 6.74 -6.88 -32.22
CA ASN A 149 8.08 -6.73 -32.77
C ASN A 149 8.59 -8.03 -33.42
N GLU A 150 9.89 -8.11 -33.71
CA GLU A 150 10.42 -9.30 -34.35
C GLU A 150 10.56 -10.51 -33.44
N LEU A 151 10.21 -10.34 -32.16
CA LEU A 151 10.26 -11.45 -31.21
C LEU A 151 8.87 -12.05 -31.08
N HIS A 152 7.90 -11.21 -30.77
CA HIS A 152 6.51 -11.64 -30.64
C HIS A 152 5.56 -10.45 -30.73
N CYS A 153 4.27 -10.74 -30.81
CA CYS A 153 3.26 -9.71 -30.95
C CYS A 153 2.77 -9.12 -29.66
N CYS A 154 2.76 -9.95 -28.64
CA CYS A 154 2.15 -9.56 -27.41
C CYS A 154 2.74 -10.23 -26.18
N ASP A 155 2.44 -9.69 -25.00
CA ASP A 155 2.88 -10.28 -23.74
C ASP A 155 1.64 -10.48 -22.85
N GLU A 156 1.82 -10.65 -21.54
CA GLU A 156 0.70 -10.87 -20.62
C GLU A 156 -0.44 -9.87 -20.68
N GLY A 157 -0.15 -8.63 -21.04
CA GLY A 157 -1.21 -7.64 -21.11
C GLY A 157 -0.80 -6.23 -21.49
N THR A 158 -1.78 -5.46 -21.91
CA THR A 158 -1.55 -4.09 -22.31
C THR A 158 -2.41 -3.17 -21.45
N PHE A 159 -2.09 -1.88 -21.49
CA PHE A 159 -2.85 -0.89 -20.74
C PHE A 159 -3.31 0.15 -21.76
N GLY A 160 -4.61 0.15 -22.05
CA GLY A 160 -5.16 1.09 -23.01
C GLY A 160 -4.44 0.91 -24.31
N GLY A 161 -4.09 2.03 -24.93
CA GLY A 161 -3.38 1.97 -26.19
C GLY A 161 -1.93 2.42 -26.05
N PHE A 162 -1.45 2.49 -24.82
CA PHE A 162 -0.08 2.91 -24.57
C PHE A 162 0.95 1.91 -25.08
N PRO A 163 2.03 2.40 -25.71
CA PRO A 163 3.08 1.51 -26.22
C PRO A 163 3.47 0.50 -25.13
N ASP A 164 3.30 -0.78 -25.43
CA ASP A 164 3.57 -1.86 -24.49
C ASP A 164 5.02 -2.38 -24.57
N ILE A 165 5.78 -2.12 -23.51
CA ILE A 165 7.20 -2.50 -23.43
C ILE A 165 7.50 -4.00 -23.47
N CYS A 166 8.47 -4.36 -24.31
CA CYS A 166 8.87 -5.75 -24.43
C CYS A 166 10.12 -5.95 -23.57
N HIS A 167 9.92 -6.46 -22.36
CA HIS A 167 11.01 -6.68 -21.42
C HIS A 167 11.99 -7.77 -21.85
N HIS A 168 11.60 -8.56 -22.85
CA HIS A 168 12.48 -9.61 -23.33
C HIS A 168 13.68 -9.08 -24.11
N LYS A 169 13.60 -7.83 -24.57
CA LYS A 169 14.70 -7.22 -25.32
C LYS A 169 15.79 -6.78 -24.35
N GLU A 170 17.04 -7.13 -24.66
CA GLU A 170 18.17 -6.78 -23.80
C GLU A 170 18.32 -5.28 -23.60
N TRP A 171 18.02 -4.52 -24.65
CA TRP A 171 18.12 -3.06 -24.58
C TRP A 171 17.22 -2.53 -23.47
N ASP A 172 16.01 -3.08 -23.40
CA ASP A 172 15.05 -2.65 -22.39
C ASP A 172 15.42 -3.15 -21.01
N GLN A 173 15.99 -4.35 -20.95
CA GLN A 173 16.40 -4.92 -19.68
C GLN A 173 17.53 -4.06 -19.13
N TYR A 174 18.46 -3.70 -20.01
CA TYR A 174 19.62 -2.89 -19.66
C TYR A 174 19.20 -1.53 -19.08
N TRP A 175 18.27 -0.86 -19.75
CA TRP A 175 17.80 0.44 -19.31
C TRP A 175 16.87 0.44 -18.11
N LEU A 176 16.16 -0.65 -17.87
CA LEU A 176 15.22 -0.72 -16.75
C LEU A 176 15.82 -1.21 -15.43
N TRP A 177 16.66 -2.24 -15.46
CA TRP A 177 17.25 -2.72 -14.21
C TRP A 177 18.59 -3.45 -14.32
N LYS A 178 18.92 -3.97 -15.49
CA LYS A 178 20.15 -4.73 -15.66
C LYS A 178 21.47 -3.99 -15.90
N SER A 179 21.71 -2.92 -15.17
CA SER A 179 22.95 -2.18 -15.33
C SER A 179 23.01 -1.06 -14.30
N ASN A 180 24.18 -0.44 -14.17
CA ASN A 180 24.33 0.65 -13.21
C ASN A 180 23.86 1.96 -13.80
N GLU A 181 23.35 1.88 -15.03
CA GLU A 181 22.82 3.04 -15.74
C GLU A 181 21.31 2.88 -15.83
N SER A 182 20.79 1.78 -15.29
CA SER A 182 19.37 1.49 -15.34
C SER A 182 18.49 2.42 -14.52
N TYR A 183 17.19 2.34 -14.79
CA TYR A 183 16.20 3.15 -14.09
C TYR A 183 16.21 2.75 -12.62
N ALA A 184 16.36 1.45 -12.37
CA ALA A 184 16.40 0.94 -11.00
C ALA A 184 17.63 1.53 -10.29
N ALA A 185 18.74 1.59 -11.01
CA ALA A 185 19.99 2.13 -10.46
C ALA A 185 19.83 3.61 -10.11
N TYR A 186 19.19 4.35 -11.01
CA TYR A 186 18.98 5.78 -10.82
C TYR A 186 18.07 6.04 -9.61
N LEU A 187 16.98 5.30 -9.51
CA LEU A 187 16.06 5.47 -8.39
C LEU A 187 16.77 5.15 -7.08
N ARG A 188 17.55 4.06 -7.09
CA ARG A 188 18.28 3.65 -5.91
C ARG A 188 19.37 4.66 -5.55
N SER A 189 20.00 5.24 -6.57
CA SER A 189 21.06 6.22 -6.33
C SER A 189 20.57 7.45 -5.60
N ILE A 190 19.30 7.80 -5.77
CA ILE A 190 18.78 8.98 -5.08
C ILE A 190 18.13 8.65 -3.75
N GLY A 191 18.19 7.38 -3.34
CA GLY A 191 17.64 7.02 -2.05
C GLY A 191 16.47 6.06 -1.95
N PHE A 192 15.82 5.71 -3.05
CA PHE A 192 14.70 4.79 -2.94
C PHE A 192 15.14 3.45 -2.35
N ASP A 193 14.36 2.95 -1.40
CA ASP A 193 14.66 1.71 -0.72
C ASP A 193 13.89 0.52 -1.28
N GLY A 194 12.58 0.69 -1.44
CA GLY A 194 11.75 -0.40 -1.93
C GLY A 194 11.01 -0.12 -3.21
N TRP A 195 10.20 -1.08 -3.62
CA TRP A 195 9.47 -0.95 -4.88
C TRP A 195 8.01 -1.36 -4.82
N ARG A 196 7.21 -0.65 -5.62
CA ARG A 196 5.79 -0.90 -5.78
C ARG A 196 5.66 -1.04 -7.29
N PHE A 197 5.46 -2.27 -7.77
CA PHE A 197 5.36 -2.49 -9.21
C PHE A 197 3.95 -2.35 -9.76
N ASP A 198 3.80 -1.38 -10.66
CA ASP A 198 2.54 -1.05 -11.29
C ASP A 198 2.06 -2.07 -12.33
N TYR A 199 0.77 -2.40 -12.28
CA TYR A 199 0.14 -3.32 -13.23
C TYR A 199 1.00 -4.54 -13.60
N VAL A 200 1.35 -5.34 -12.61
CA VAL A 200 2.19 -6.51 -12.86
C VAL A 200 1.51 -7.58 -13.71
N LYS A 201 0.21 -7.44 -13.93
CA LYS A 201 -0.49 -8.40 -14.77
C LYS A 201 -0.18 -8.14 -16.24
N GLY A 202 0.51 -7.03 -16.51
CA GLY A 202 0.85 -6.68 -17.88
C GLY A 202 2.13 -7.30 -18.40
N TYR A 203 2.89 -7.95 -17.52
CA TYR A 203 4.12 -8.59 -17.94
C TYR A 203 4.50 -9.72 -16.98
N GLY A 204 5.54 -10.46 -17.32
CA GLY A 204 5.95 -11.60 -16.52
C GLY A 204 6.51 -11.36 -15.14
N ALA A 205 6.27 -12.32 -14.25
CA ALA A 205 6.77 -12.27 -12.88
C ALA A 205 8.29 -12.34 -12.88
N TRP A 206 8.86 -12.95 -13.92
CA TRP A 206 10.32 -13.08 -14.00
C TRP A 206 10.98 -11.70 -14.03
N VAL A 207 10.28 -10.71 -14.58
CA VAL A 207 10.81 -9.36 -14.64
C VAL A 207 11.06 -8.84 -13.22
N VAL A 208 10.05 -8.93 -12.37
CA VAL A 208 10.19 -8.48 -10.99
C VAL A 208 11.24 -9.31 -10.25
N ARG A 209 11.22 -10.62 -10.48
CA ARG A 209 12.18 -11.51 -9.85
C ARG A 209 13.63 -11.13 -10.19
N ASP A 210 13.90 -10.83 -11.46
CA ASP A 210 15.25 -10.45 -11.85
C ASP A 210 15.63 -9.08 -11.31
N TRP A 211 14.66 -8.17 -11.29
CA TRP A 211 14.88 -6.83 -10.76
C TRP A 211 15.30 -6.97 -9.31
N LEU A 212 14.57 -7.77 -8.54
CA LEU A 212 14.88 -7.98 -7.13
C LEU A 212 16.22 -8.69 -6.92
N ASN A 213 16.59 -9.59 -7.82
CA ASN A 213 17.85 -10.29 -7.70
C ASN A 213 19.00 -9.29 -7.85
N TRP A 214 18.80 -8.28 -8.70
CA TRP A 214 19.82 -7.26 -8.92
C TRP A 214 19.87 -6.19 -7.85
N TRP A 215 18.72 -5.78 -7.34
CA TRP A 215 18.71 -4.69 -6.37
C TRP A 215 18.15 -4.94 -4.99
N GLY A 216 17.44 -6.05 -4.82
CA GLY A 216 16.87 -6.32 -3.51
C GLY A 216 15.92 -5.21 -3.07
N GLY A 217 15.62 -5.19 -1.78
CA GLY A 217 14.72 -4.19 -1.24
C GLY A 217 13.31 -4.75 -1.10
N TRP A 218 12.53 -4.11 -0.22
CA TRP A 218 11.16 -4.50 0.03
C TRP A 218 10.41 -4.30 -1.29
N ALA A 219 9.41 -5.15 -1.56
CA ALA A 219 8.68 -5.01 -2.82
C ALA A 219 7.27 -5.56 -2.78
N VAL A 220 6.41 -4.93 -3.56
CA VAL A 220 5.03 -5.33 -3.68
C VAL A 220 4.59 -5.12 -5.12
N GLY A 221 3.76 -6.03 -5.62
CA GLY A 221 3.29 -5.87 -6.97
C GLY A 221 1.81 -5.57 -6.92
N GLU A 222 1.35 -4.71 -7.83
CA GLU A 222 -0.06 -4.41 -7.87
C GLU A 222 -0.69 -5.38 -8.88
N TYR A 223 -1.26 -6.46 -8.36
CA TYR A 223 -1.90 -7.47 -9.19
C TYR A 223 -3.37 -7.37 -8.83
N TRP A 224 -4.10 -6.54 -9.56
CA TRP A 224 -5.52 -6.30 -9.29
C TRP A 224 -6.41 -7.46 -9.71
N ASP A 225 -6.73 -8.32 -8.74
CA ASP A 225 -7.57 -9.49 -9.02
C ASP A 225 -8.12 -10.04 -7.71
N THR A 226 -9.22 -10.79 -7.80
CA THR A 226 -9.84 -11.38 -6.61
C THR A 226 -9.42 -12.84 -6.42
N ASN A 227 -8.79 -13.41 -7.43
CA ASN A 227 -8.36 -14.80 -7.36
C ASN A 227 -7.09 -14.95 -6.52
N VAL A 228 -7.26 -15.37 -5.27
CA VAL A 228 -6.12 -15.53 -4.37
C VAL A 228 -5.02 -16.43 -4.94
N ASP A 229 -5.40 -17.53 -5.59
CA ASP A 229 -4.39 -18.43 -6.16
C ASP A 229 -3.51 -17.71 -7.16
N ALA A 230 -4.12 -16.92 -8.03
CA ALA A 230 -3.36 -16.17 -9.03
C ALA A 230 -2.41 -15.18 -8.34
N LEU A 231 -2.89 -14.48 -7.32
CA LEU A 231 -2.05 -13.51 -6.63
C LEU A 231 -0.87 -14.16 -5.91
N LEU A 232 -1.12 -15.26 -5.21
CA LEU A 232 -0.05 -15.93 -4.49
C LEU A 232 0.93 -16.61 -5.44
N SER A 233 0.44 -17.06 -6.58
CA SER A 233 1.31 -17.68 -7.57
C SER A 233 2.29 -16.63 -8.06
N TRP A 234 1.77 -15.44 -8.38
CA TRP A 234 2.62 -14.36 -8.85
C TRP A 234 3.60 -13.96 -7.75
N ALA A 235 3.10 -13.87 -6.51
CA ALA A 235 3.92 -13.49 -5.37
C ALA A 235 5.11 -14.43 -5.16
N TYR A 236 4.87 -15.74 -5.17
CA TYR A 236 5.93 -16.71 -4.97
C TYR A 236 6.91 -16.75 -6.16
N GLU A 237 6.39 -16.55 -7.36
CA GLU A 237 7.23 -16.55 -8.54
C GLU A 237 8.11 -15.30 -8.62
N SER A 238 7.52 -14.14 -8.33
CA SER A 238 8.26 -12.87 -8.38
C SER A 238 9.14 -12.63 -7.17
N GLY A 239 8.73 -13.19 -6.03
CA GLY A 239 9.47 -12.98 -4.80
C GLY A 239 9.01 -11.72 -4.10
N ALA A 240 7.99 -11.06 -4.63
CA ALA A 240 7.47 -9.83 -4.05
C ALA A 240 6.14 -10.06 -3.34
N LYS A 241 5.71 -9.06 -2.58
CA LYS A 241 4.42 -9.12 -1.90
C LYS A 241 3.35 -8.69 -2.90
N VAL A 242 2.08 -8.82 -2.51
CA VAL A 242 0.97 -8.39 -3.35
C VAL A 242 -0.05 -7.64 -2.51
N PHE A 243 -0.69 -6.64 -3.10
CA PHE A 243 -1.73 -5.89 -2.40
C PHE A 243 -2.88 -6.88 -2.24
N ASP A 244 -3.51 -6.88 -1.07
CA ASP A 244 -4.61 -7.81 -0.82
C ASP A 244 -5.96 -7.29 -1.30
N PHE A 245 -6.14 -7.26 -2.61
CA PHE A 245 -7.41 -6.82 -3.18
C PHE A 245 -8.53 -7.75 -2.68
N PRO A 246 -8.24 -9.06 -2.57
CA PRO A 246 -9.29 -9.98 -2.08
C PRO A 246 -9.84 -9.53 -0.73
N LEU A 247 -8.96 -9.18 0.20
CA LEU A 247 -9.39 -8.71 1.51
C LEU A 247 -10.15 -7.39 1.41
N TYR A 248 -9.68 -6.51 0.53
CA TYR A 248 -10.30 -5.21 0.31
C TYR A 248 -11.78 -5.38 0.00
N TYR A 249 -12.09 -6.24 -0.97
CA TYR A 249 -13.47 -6.46 -1.35
C TYR A 249 -14.29 -7.18 -0.28
N LYS A 250 -13.67 -8.07 0.48
CA LYS A 250 -14.40 -8.77 1.53
C LYS A 250 -14.68 -7.85 2.71
N MET A 251 -13.74 -6.95 3.01
CA MET A 251 -13.97 -6.02 4.11
C MET A 251 -15.14 -5.11 3.73
N ASP A 252 -15.20 -4.72 2.46
CA ASP A 252 -16.28 -3.87 2.01
C ASP A 252 -17.61 -4.60 2.16
N GLU A 253 -17.64 -5.86 1.73
CA GLU A 253 -18.83 -6.69 1.83
C GLU A 253 -19.36 -6.72 3.26
N ALA A 254 -18.45 -6.90 4.20
CA ALA A 254 -18.83 -6.97 5.61
C ALA A 254 -19.12 -5.64 6.31
N PHE A 255 -18.12 -4.76 6.32
CA PHE A 255 -18.23 -3.47 7.00
C PHE A 255 -19.21 -2.44 6.42
N ASP A 256 -19.45 -2.50 5.11
CA ASP A 256 -20.37 -1.55 4.48
C ASP A 256 -21.80 -2.09 4.28
N ASN A 257 -22.09 -3.26 4.85
CA ASN A 257 -23.43 -3.83 4.67
C ASN A 257 -23.84 -4.76 5.82
N ASN A 258 -23.37 -4.46 7.04
CA ASN A 258 -23.68 -5.29 8.21
C ASN A 258 -23.63 -6.77 7.86
N ASN A 259 -22.53 -7.19 7.24
CA ASN A 259 -22.39 -8.59 6.85
C ASN A 259 -21.05 -9.19 7.28
N ILE A 260 -20.72 -9.05 8.56
CA ILE A 260 -19.46 -9.59 9.11
C ILE A 260 -19.23 -11.05 8.71
N PRO A 261 -20.29 -11.89 8.73
CA PRO A 261 -20.10 -13.30 8.36
C PRO A 261 -19.41 -13.47 7.00
N ALA A 262 -19.61 -12.52 6.10
CA ALA A 262 -18.98 -12.61 4.78
C ALA A 262 -17.45 -12.57 4.93
N LEU A 263 -16.96 -11.72 5.83
CA LEU A 263 -15.53 -11.61 6.07
C LEU A 263 -15.00 -12.84 6.81
N VAL A 264 -15.74 -13.29 7.81
CA VAL A 264 -15.34 -14.46 8.58
C VAL A 264 -15.15 -15.66 7.63
N TYR A 265 -16.16 -15.87 6.79
CA TYR A 265 -16.13 -16.96 5.82
C TYR A 265 -14.90 -16.88 4.92
N ALA A 266 -14.63 -15.69 4.40
CA ALA A 266 -13.49 -15.47 3.52
C ALA A 266 -12.17 -15.76 4.24
N LEU A 267 -12.06 -15.34 5.49
CA LEU A 267 -10.84 -15.56 6.25
C LEU A 267 -10.66 -17.05 6.59
N GLN A 268 -11.77 -17.75 6.77
CA GLN A 268 -11.74 -19.17 7.12
C GLN A 268 -11.51 -20.09 5.92
N ASN A 269 -11.94 -19.66 4.75
CA ASN A 269 -11.81 -20.48 3.57
C ASN A 269 -10.83 -19.98 2.52
N GLY A 270 -9.75 -19.35 2.98
CA GLY A 270 -8.71 -18.86 2.10
C GLY A 270 -9.09 -17.93 0.96
N GLN A 271 -10.07 -17.06 1.18
CA GLN A 271 -10.47 -16.14 0.12
C GLN A 271 -9.79 -14.78 0.23
N THR A 272 -8.69 -14.72 0.99
CA THR A 272 -7.91 -13.49 1.13
C THR A 272 -6.45 -13.93 1.12
N VAL A 273 -5.56 -13.03 0.71
CA VAL A 273 -4.15 -13.35 0.69
C VAL A 273 -3.66 -13.47 2.12
N VAL A 274 -4.02 -12.48 2.94
CA VAL A 274 -3.57 -12.44 4.32
C VAL A 274 -3.91 -13.67 5.16
N SER A 275 -5.07 -14.28 4.95
CA SER A 275 -5.42 -15.46 5.72
C SER A 275 -4.68 -16.71 5.24
N ARG A 276 -4.04 -16.62 4.08
CA ARG A 276 -3.27 -17.74 3.52
C ARG A 276 -1.78 -17.53 3.80
N ASP A 277 -1.29 -16.34 3.50
CA ASP A 277 0.11 -16.02 3.74
C ASP A 277 0.19 -14.56 4.17
N PRO A 278 0.21 -14.33 5.49
CA PRO A 278 0.28 -12.97 6.04
C PRO A 278 1.61 -12.27 5.80
N PHE A 279 2.57 -13.01 5.26
CA PHE A 279 3.88 -12.43 4.98
C PHE A 279 3.96 -11.94 3.54
N LYS A 280 2.91 -12.22 2.77
CA LYS A 280 2.84 -11.77 1.38
C LYS A 280 1.77 -10.70 1.19
N ALA A 281 0.87 -10.59 2.16
CA ALA A 281 -0.23 -9.64 2.06
C ALA A 281 0.02 -8.20 2.50
N VAL A 282 -0.18 -7.27 1.58
CA VAL A 282 -0.05 -5.85 1.90
C VAL A 282 -1.50 -5.39 1.90
N THR A 283 -2.02 -5.10 3.09
CA THR A 283 -3.41 -4.70 3.25
C THR A 283 -3.67 -3.20 3.15
N PHE A 284 -4.89 -2.85 2.73
CA PHE A 284 -5.26 -1.45 2.59
C PHE A 284 -6.78 -1.26 2.63
N VAL A 285 -7.19 -0.05 2.98
CA VAL A 285 -8.60 0.30 3.07
C VAL A 285 -9.02 1.04 1.80
N ALA A 286 -8.06 1.69 1.15
CA ALA A 286 -8.33 2.44 -0.07
C ALA A 286 -7.03 2.84 -0.75
N ASN A 287 -7.12 3.20 -2.03
CA ASN A 287 -5.95 3.68 -2.75
C ASN A 287 -6.41 4.69 -3.80
N HIS A 288 -5.48 5.14 -4.64
CA HIS A 288 -5.76 6.14 -5.67
C HIS A 288 -6.64 5.69 -6.84
N ASP A 289 -6.88 4.39 -6.95
CA ASP A 289 -7.70 3.84 -8.03
C ASP A 289 -9.10 3.44 -7.59
N THR A 290 -9.22 2.93 -6.36
CA THR A 290 -10.51 2.48 -5.87
C THR A 290 -10.68 2.85 -4.40
N ASP A 291 -11.89 3.28 -4.05
CA ASP A 291 -12.20 3.72 -2.71
C ASP A 291 -13.69 3.47 -2.46
N ILE A 292 -14.06 2.21 -2.34
CA ILE A 292 -15.44 1.81 -2.15
C ILE A 292 -15.88 1.61 -0.70
N ILE A 293 -14.94 1.57 0.23
CA ILE A 293 -15.28 1.39 1.64
C ILE A 293 -15.65 2.70 2.31
N TRP A 294 -16.93 2.86 2.61
CA TRP A 294 -17.42 4.07 3.27
C TRP A 294 -17.14 4.07 4.78
N ASN A 295 -17.37 2.93 5.42
CA ASN A 295 -17.14 2.80 6.85
C ASN A 295 -15.67 2.45 7.11
N LYS A 296 -14.82 3.44 6.91
CA LYS A 296 -13.38 3.29 7.07
C LYS A 296 -12.84 3.09 8.48
N TYR A 297 -13.57 3.53 9.50
CA TYR A 297 -13.07 3.36 10.85
C TYR A 297 -12.93 1.89 11.25
N PRO A 298 -13.99 1.09 11.11
CA PRO A 298 -13.79 -0.31 11.48
C PRO A 298 -12.83 -1.01 10.49
N ALA A 299 -12.78 -0.51 9.26
CA ALA A 299 -11.90 -1.08 8.24
C ALA A 299 -10.44 -0.87 8.63
N TYR A 300 -10.09 0.33 9.08
CA TYR A 300 -8.72 0.61 9.49
C TYR A 300 -8.44 -0.10 10.81
N ALA A 301 -9.44 -0.15 11.68
CA ALA A 301 -9.30 -0.83 12.96
C ALA A 301 -8.91 -2.29 12.67
N PHE A 302 -9.53 -2.86 11.64
CA PHE A 302 -9.25 -4.23 11.27
C PHE A 302 -7.87 -4.47 10.66
N ILE A 303 -7.48 -3.71 9.63
CA ILE A 303 -6.17 -3.96 9.04
C ILE A 303 -5.02 -3.55 9.96
N LEU A 304 -5.28 -2.67 10.92
CA LEU A 304 -4.21 -2.25 11.84
C LEU A 304 -4.12 -3.11 13.11
N THR A 305 -5.06 -4.04 13.30
CA THR A 305 -5.00 -4.93 14.46
C THR A 305 -4.95 -6.39 14.01
N TYR A 306 -5.26 -6.62 12.73
CA TYR A 306 -5.22 -7.98 12.18
C TYR A 306 -3.84 -8.23 11.55
N GLU A 307 -3.65 -9.41 10.95
CA GLU A 307 -2.39 -9.78 10.33
C GLU A 307 -2.13 -9.09 8.98
N GLY A 308 -0.91 -9.23 8.47
CA GLY A 308 -0.55 -8.60 7.21
C GLY A 308 0.16 -7.27 7.41
N GLN A 309 0.57 -6.62 6.32
CA GLN A 309 1.27 -5.32 6.44
C GLN A 309 0.34 -4.25 5.89
N PRO A 310 -0.17 -3.37 6.76
CA PRO A 310 -1.09 -2.30 6.40
C PRO A 310 -0.53 -1.02 5.79
N VAL A 311 -1.35 -0.43 4.91
CA VAL A 311 -1.02 0.81 4.22
C VAL A 311 -2.13 1.81 4.52
N ILE A 312 -1.74 3.02 4.89
CA ILE A 312 -2.72 4.06 5.16
C ILE A 312 -2.78 5.00 3.96
N PHE A 313 -3.99 5.27 3.48
CA PHE A 313 -4.21 6.15 2.33
C PHE A 313 -4.07 7.62 2.74
N TYR A 314 -3.17 8.34 2.05
CA TYR A 314 -2.92 9.76 2.35
C TYR A 314 -4.18 10.56 2.69
N ARG A 315 -5.15 10.54 1.79
CA ARG A 315 -6.39 11.31 1.97
C ARG A 315 -7.15 11.02 3.25
N ASP A 316 -7.15 9.77 3.69
CA ASP A 316 -7.85 9.43 4.92
C ASP A 316 -7.14 10.03 6.12
N PHE A 317 -5.82 9.97 6.09
CA PHE A 317 -4.98 10.45 7.19
C PHE A 317 -4.87 11.97 7.28
N GLU A 318 -4.73 12.63 6.13
CA GLU A 318 -4.56 14.08 6.08
C GLU A 318 -5.77 14.93 5.72
N GLU A 319 -6.83 14.32 5.21
CA GLU A 319 -7.99 15.11 4.80
C GLU A 319 -9.36 14.70 5.32
N TRP A 320 -9.70 13.41 5.20
CA TRP A 320 -11.03 12.96 5.59
C TRP A 320 -11.28 12.37 6.97
N LEU A 321 -10.33 11.65 7.54
CA LEU A 321 -10.58 11.04 8.85
C LEU A 321 -9.93 11.75 10.03
N ASN A 322 -10.35 11.35 11.23
CA ASN A 322 -9.81 11.90 12.47
C ASN A 322 -8.40 11.34 12.56
N LYS A 323 -7.42 12.13 12.18
CA LYS A 323 -6.02 11.71 12.19
C LYS A 323 -5.59 11.03 13.49
N ASP A 324 -6.02 11.56 14.63
CA ASP A 324 -5.65 10.98 15.92
C ASP A 324 -6.07 9.52 16.06
N LYS A 325 -7.20 9.16 15.46
CA LYS A 325 -7.67 7.78 15.54
C LYS A 325 -6.72 6.85 14.76
N LEU A 326 -6.18 7.36 13.66
CA LEU A 326 -5.26 6.58 12.86
C LEU A 326 -3.92 6.47 13.55
N ILE A 327 -3.48 7.57 14.15
CA ILE A 327 -2.21 7.60 14.86
C ILE A 327 -2.26 6.59 16.00
N ASN A 328 -3.43 6.52 16.65
CA ASN A 328 -3.66 5.60 17.76
C ASN A 328 -3.59 4.14 17.29
N LEU A 329 -4.17 3.84 16.13
CA LEU A 329 -4.15 2.49 15.60
C LEU A 329 -2.77 2.08 15.14
N ILE A 330 -1.96 3.04 14.69
CA ILE A 330 -0.60 2.72 14.27
C ILE A 330 0.17 2.30 15.51
N TRP A 331 -0.02 3.05 16.60
CA TRP A 331 0.65 2.75 17.87
C TRP A 331 0.25 1.35 18.32
N ILE A 332 -1.04 1.05 18.20
CA ILE A 332 -1.57 -0.24 18.60
C ILE A 332 -1.02 -1.37 17.73
N HIS A 333 -0.97 -1.12 16.42
CA HIS A 333 -0.45 -2.12 15.50
C HIS A 333 0.98 -2.52 15.82
N ASP A 334 1.83 -1.53 16.07
CA ASP A 334 3.23 -1.80 16.36
C ASP A 334 3.54 -2.24 17.78
N HIS A 335 2.63 -1.96 18.71
CA HIS A 335 2.85 -2.36 20.11
C HIS A 335 2.08 -3.59 20.57
N LEU A 336 0.88 -3.79 20.04
CA LEU A 336 0.05 -4.92 20.47
C LEU A 336 -0.33 -5.99 19.45
N ALA A 337 -0.54 -5.58 18.20
CA ALA A 337 -0.97 -6.49 17.14
C ALA A 337 0.04 -7.53 16.66
N GLY A 338 0.19 -8.61 17.42
CA GLY A 338 1.12 -9.66 17.03
C GLY A 338 0.55 -11.04 17.31
N GLY A 339 1.14 -12.07 16.70
CA GLY A 339 0.68 -13.43 16.94
C GLY A 339 -0.45 -13.91 16.04
N SER A 340 -0.89 -15.15 16.27
CA SER A 340 -1.97 -15.74 15.49
C SER A 340 -3.27 -15.07 15.87
N THR A 341 -4.34 -15.39 15.14
CA THR A 341 -5.64 -14.79 15.39
C THR A 341 -6.71 -15.82 15.74
N THR A 342 -7.59 -15.46 16.67
CA THR A 342 -8.67 -16.33 17.07
C THR A 342 -9.95 -15.50 17.10
N ILE A 343 -10.94 -15.88 16.30
CA ILE A 343 -12.19 -15.16 16.30
C ILE A 343 -12.99 -15.70 17.49
N VAL A 344 -13.44 -14.81 18.37
CA VAL A 344 -14.19 -15.26 19.54
C VAL A 344 -15.66 -14.92 19.52
N TYR A 345 -16.07 -14.08 18.58
CA TYR A 345 -17.48 -13.74 18.46
C TYR A 345 -17.76 -12.97 17.18
N TYR A 346 -18.98 -13.15 16.68
CA TYR A 346 -19.42 -12.45 15.49
C TYR A 346 -20.90 -12.71 15.23
N ASP A 347 -21.52 -11.73 14.59
CA ASP A 347 -22.90 -11.81 14.16
C ASP A 347 -22.90 -10.84 12.98
N ASN A 348 -24.06 -10.41 12.51
CA ASN A 348 -24.08 -9.53 11.35
C ASN A 348 -23.36 -8.19 11.51
N ASP A 349 -23.42 -7.60 12.70
CA ASP A 349 -22.79 -6.30 12.89
C ASP A 349 -21.65 -6.23 13.91
N GLU A 350 -21.24 -7.37 14.45
CA GLU A 350 -20.15 -7.38 15.43
C GLU A 350 -19.08 -8.43 15.11
N LEU A 351 -17.84 -8.08 15.44
CA LEU A 351 -16.70 -8.97 15.22
C LEU A 351 -15.71 -8.77 16.35
N ILE A 352 -15.43 -9.85 17.09
CA ILE A 352 -14.47 -9.78 18.18
C ILE A 352 -13.41 -10.83 17.95
N PHE A 353 -12.14 -10.41 17.94
CA PHE A 353 -11.07 -11.36 17.73
C PHE A 353 -9.87 -11.07 18.61
N VAL A 354 -9.08 -12.11 18.86
CA VAL A 354 -7.91 -11.98 19.70
C VAL A 354 -6.62 -12.21 18.92
N ARG A 355 -5.61 -11.38 19.18
CA ARG A 355 -4.30 -11.58 18.58
C ARG A 355 -3.57 -12.21 19.77
N ASN A 356 -3.01 -13.39 19.57
CA ASN A 356 -2.35 -14.11 20.66
C ASN A 356 -0.96 -13.66 21.06
N GLY A 357 -0.44 -12.65 20.37
CA GLY A 357 0.87 -12.12 20.69
C GLY A 357 2.07 -12.82 20.09
N ASP A 358 3.16 -12.06 19.96
CA ASP A 358 4.41 -12.61 19.44
C ASP A 358 5.49 -12.27 20.45
N SER A 359 6.75 -12.35 20.04
CA SER A 359 7.86 -12.09 20.95
C SER A 359 7.94 -10.67 21.51
N ARG A 360 7.47 -9.69 20.75
CA ARG A 360 7.52 -8.30 21.20
C ARG A 360 6.17 -7.69 21.55
N ARG A 361 5.13 -8.10 20.83
CA ARG A 361 3.79 -7.59 21.07
C ARG A 361 2.94 -8.59 21.82
N PRO A 362 2.42 -8.20 22.98
CA PRO A 362 1.58 -8.97 23.91
C PRO A 362 0.29 -9.54 23.34
N GLY A 363 -0.25 -8.88 22.31
CA GLY A 363 -1.49 -9.35 21.73
C GLY A 363 -2.59 -8.36 22.04
N LEU A 364 -3.82 -8.66 21.63
CA LEU A 364 -4.91 -7.73 21.88
C LEU A 364 -6.27 -8.36 21.59
N ILE A 365 -7.32 -7.59 21.85
CA ILE A 365 -8.67 -8.03 21.55
C ILE A 365 -9.30 -6.87 20.78
N THR A 366 -9.80 -7.16 19.59
CA THR A 366 -10.45 -6.14 18.79
C THR A 366 -11.95 -6.40 18.79
N TYR A 367 -12.72 -5.35 19.08
CA TYR A 367 -14.17 -5.44 19.11
C TYR A 367 -14.74 -4.41 18.14
N ILE A 368 -15.18 -4.88 16.98
CA ILE A 368 -15.77 -4.02 15.96
C ILE A 368 -17.30 -4.10 16.03
N ASN A 369 -17.94 -2.94 16.03
CA ASN A 369 -19.39 -2.86 16.07
C ASN A 369 -19.88 -1.95 14.93
N LEU A 370 -20.72 -2.50 14.05
CA LEU A 370 -21.26 -1.75 12.94
C LEU A 370 -22.66 -1.21 13.26
N SER A 371 -23.19 -1.60 14.41
CA SER A 371 -24.52 -1.15 14.80
C SER A 371 -24.48 0.27 15.35
N PRO A 372 -25.62 0.98 15.33
CA PRO A 372 -25.73 2.36 15.82
C PRO A 372 -25.89 2.51 17.33
N ASN A 373 -25.77 1.41 18.07
CA ASN A 373 -25.94 1.46 19.52
C ASN A 373 -24.71 0.92 20.25
N TRP A 374 -24.63 1.19 21.55
CA TRP A 374 -23.53 0.67 22.36
C TRP A 374 -23.77 -0.82 22.49
N VAL A 375 -22.70 -1.61 22.48
CA VAL A 375 -22.85 -3.06 22.61
C VAL A 375 -21.90 -3.60 23.67
N GLY A 376 -22.24 -4.76 24.19
CA GLY A 376 -21.44 -5.43 25.19
C GLY A 376 -21.67 -6.91 25.06
N ARG A 377 -20.62 -7.71 25.23
CA ARG A 377 -20.73 -9.15 25.12
C ARG A 377 -19.84 -9.83 26.16
N TRP A 378 -20.32 -10.95 26.68
CA TRP A 378 -19.52 -11.74 27.61
C TRP A 378 -18.75 -12.61 26.63
N VAL A 379 -17.42 -12.54 26.68
CA VAL A 379 -16.63 -13.35 25.76
C VAL A 379 -15.60 -14.18 26.50
N TYR A 380 -15.27 -15.33 25.91
CA TYR A 380 -14.30 -16.24 26.47
C TYR A 380 -12.94 -16.00 25.82
N VAL A 381 -12.07 -15.29 26.53
CA VAL A 381 -10.74 -14.98 26.01
C VAL A 381 -9.65 -15.46 26.97
N PRO A 382 -9.47 -16.78 27.07
CA PRO A 382 -8.45 -17.39 27.95
C PRO A 382 -7.06 -16.80 27.78
N LYS A 383 -6.79 -16.21 26.62
CA LYS A 383 -5.51 -15.58 26.36
C LYS A 383 -5.22 -14.51 27.41
N PHE A 384 -6.26 -13.83 27.88
CA PHE A 384 -6.10 -12.77 28.87
C PHE A 384 -6.64 -13.12 30.26
N ALA A 385 -6.80 -14.42 30.52
CA ALA A 385 -7.31 -14.87 31.82
C ALA A 385 -6.44 -14.38 32.96
N GLY A 386 -7.09 -13.93 34.03
CA GLY A 386 -6.37 -13.45 35.20
C GLY A 386 -5.57 -12.19 34.97
N ALA A 387 -5.99 -11.35 34.03
CA ALA A 387 -5.25 -10.13 33.75
C ALA A 387 -6.07 -8.85 33.81
N CYS A 388 -5.38 -7.73 33.95
CA CYS A 388 -6.00 -6.41 33.96
C CYS A 388 -5.91 -5.96 32.51
N ILE A 389 -7.03 -5.75 31.85
CA ILE A 389 -6.98 -5.29 30.48
C ILE A 389 -7.38 -3.83 30.43
N HIS A 390 -6.83 -3.12 29.46
CA HIS A 390 -7.08 -1.69 29.28
C HIS A 390 -7.58 -1.43 27.85
N GLU A 391 -8.51 -0.49 27.69
CA GLU A 391 -9.03 -0.16 26.36
C GLU A 391 -8.07 0.92 25.82
N TYR A 392 -7.38 0.61 24.73
CA TYR A 392 -6.38 1.53 24.19
C TYR A 392 -6.74 2.59 23.14
N THR A 393 -8.00 2.71 22.77
CA THR A 393 -8.36 3.73 21.77
C THR A 393 -9.01 4.95 22.40
N GLY A 394 -9.67 4.73 23.54
CA GLY A 394 -10.34 5.81 24.22
C GLY A 394 -11.72 6.02 23.62
N ASN A 395 -12.13 5.10 22.74
CA ASN A 395 -13.43 5.20 22.08
C ASN A 395 -14.62 4.96 23.00
N LEU A 396 -14.35 4.62 24.26
CA LEU A 396 -15.41 4.40 25.20
C LEU A 396 -15.70 5.69 25.95
N GLY A 397 -15.02 6.76 25.53
CA GLY A 397 -15.22 8.06 26.16
C GLY A 397 -14.29 8.39 27.31
N GLY A 398 -13.42 7.44 27.68
CA GLY A 398 -12.51 7.70 28.77
C GLY A 398 -11.56 6.55 29.07
N TRP A 399 -10.86 6.66 30.20
CA TRP A 399 -9.91 5.64 30.65
C TRP A 399 -10.69 4.47 31.24
N VAL A 400 -10.58 3.31 30.60
CA VAL A 400 -11.31 2.12 31.04
C VAL A 400 -10.45 0.88 31.23
N ASP A 401 -10.52 0.30 32.43
CA ASP A 401 -9.79 -0.92 32.75
C ASP A 401 -10.77 -1.97 33.23
N LYS A 402 -10.44 -3.24 33.00
CA LYS A 402 -11.28 -4.35 33.42
C LYS A 402 -10.42 -5.53 33.84
N ARG A 403 -11.01 -6.40 34.66
CA ARG A 403 -10.31 -7.59 35.11
C ARG A 403 -10.91 -8.81 34.43
N VAL A 404 -10.07 -9.59 33.77
CA VAL A 404 -10.53 -10.81 33.12
C VAL A 404 -10.31 -11.89 34.16
N ASP A 405 -11.39 -12.55 34.60
CA ASP A 405 -11.26 -13.58 35.62
C ASP A 405 -10.33 -14.72 35.19
N SER A 406 -9.92 -15.53 36.16
CA SER A 406 -9.01 -16.64 35.92
C SER A 406 -9.46 -17.61 34.83
N SER A 407 -10.76 -17.70 34.60
CA SER A 407 -11.30 -18.59 33.59
C SER A 407 -11.00 -18.07 32.18
N GLY A 408 -11.30 -16.80 31.98
CA GLY A 408 -11.07 -16.18 30.68
C GLY A 408 -12.28 -15.37 30.26
N TRP A 409 -13.29 -15.32 31.10
CA TRP A 409 -14.50 -14.56 30.80
C TRP A 409 -14.38 -13.10 31.19
N VAL A 410 -14.90 -12.23 30.32
CA VAL A 410 -14.90 -10.80 30.56
C VAL A 410 -16.02 -10.16 29.74
N TYR A 411 -16.65 -9.14 30.29
CA TYR A 411 -17.72 -8.45 29.58
C TYR A 411 -17.08 -7.30 28.81
N LEU A 412 -16.96 -7.44 27.50
CA LEU A 412 -16.36 -6.39 26.68
C LEU A 412 -17.41 -5.48 26.06
N GLU A 413 -17.05 -4.21 25.91
CA GLU A 413 -17.96 -3.25 25.33
C GLU A 413 -17.36 -2.50 24.14
N ALA A 414 -18.21 -2.06 23.23
CA ALA A 414 -17.79 -1.33 22.05
C ALA A 414 -18.79 -0.21 21.81
N PRO A 415 -18.30 0.97 21.41
CA PRO A 415 -19.17 2.12 21.16
C PRO A 415 -20.00 1.96 19.89
N PRO A 416 -21.00 2.83 19.71
CA PRO A 416 -21.84 2.76 18.52
C PRO A 416 -21.01 3.10 17.29
N HIS A 417 -21.47 2.64 16.12
CA HIS A 417 -20.77 2.99 14.90
C HIS A 417 -21.59 4.11 14.30
N ASP A 418 -21.22 5.33 14.63
CA ASP A 418 -21.90 6.52 14.12
C ASP A 418 -20.81 7.57 14.04
N PRO A 419 -19.84 7.36 13.13
CA PRO A 419 -18.72 8.27 12.95
C PRO A 419 -19.14 9.70 12.64
N ALA A 420 -20.30 9.85 12.02
CA ALA A 420 -20.83 11.17 11.70
C ALA A 420 -21.04 11.96 12.99
N ASN A 421 -21.17 11.24 14.11
CA ASN A 421 -21.37 11.85 15.41
C ASN A 421 -20.21 11.57 16.37
N GLY A 422 -19.06 11.18 15.83
CA GLY A 422 -17.93 10.91 16.69
C GLY A 422 -17.89 9.57 17.41
N TYR A 423 -18.72 8.63 16.97
CA TYR A 423 -18.73 7.29 17.54
C TYR A 423 -18.14 6.42 16.43
N TYR A 424 -16.95 5.90 16.66
CA TYR A 424 -16.24 5.15 15.63
C TYR A 424 -16.44 3.66 15.48
N GLY A 425 -17.32 3.08 16.30
CA GLY A 425 -17.62 1.67 16.18
C GLY A 425 -16.57 0.60 16.46
N TYR A 426 -15.67 0.85 17.40
CA TYR A 426 -14.66 -0.16 17.74
C TYR A 426 -13.93 0.16 19.02
N SER A 427 -13.53 -0.89 19.72
CA SER A 427 -12.75 -0.75 20.94
C SER A 427 -11.63 -1.77 20.79
N VAL A 428 -10.46 -1.48 21.36
CA VAL A 428 -9.32 -2.38 21.29
C VAL A 428 -8.77 -2.51 22.70
N TRP A 429 -8.54 -3.75 23.13
CA TRP A 429 -8.07 -4.03 24.48
C TRP A 429 -6.78 -4.84 24.53
N SER A 430 -6.08 -4.72 25.66
CA SER A 430 -4.86 -5.49 25.90
C SER A 430 -4.47 -5.31 27.36
N TYR A 431 -3.39 -5.97 27.76
CA TYR A 431 -2.92 -5.88 29.15
C TYR A 431 -2.70 -4.43 29.57
N CYS A 432 -3.03 -4.12 30.82
CA CYS A 432 -2.85 -2.77 31.35
C CYS A 432 -1.35 -2.51 31.47
N GLY A 433 -0.95 -1.24 31.33
CA GLY A 433 0.45 -0.87 31.46
C GLY A 433 1.41 -1.04 30.29
N VAL A 434 0.93 -1.39 29.11
CA VAL A 434 1.83 -1.53 27.96
C VAL A 434 2.38 -0.19 27.53
N GLY A 435 1.47 0.74 27.25
CA GLY A 435 1.87 2.07 26.82
C GLY A 435 0.76 3.06 27.06
C1 GLC B . 1.74 -15.29 13.60
C2 GLC B . 0.73 -14.63 12.64
C3 GLC B . 1.45 -13.69 11.67
C4 GLC B . 2.27 -12.65 12.44
C5 GLC B . 3.24 -13.38 13.39
C6 GLC B . 4.07 -12.36 14.21
O1 GLC B . 2.63 -16.13 12.84
O2 GLC B . 0.06 -15.65 11.90
O3 GLC B . 0.49 -13.02 10.85
O4 GLC B . 3.00 -11.87 11.50
O5 GLC B . 2.50 -14.24 14.30
O6 GLC B . 3.21 -11.50 14.96
C1 GLC B . 2.76 -10.46 11.66
C2 GLC B . 2.44 -9.84 10.29
C3 GLC B . 3.62 -10.09 9.32
C4 GLC B . 4.95 -9.55 9.92
C5 GLC B . 5.14 -10.09 11.37
C6 GLC B . 6.33 -9.42 12.04
O2 GLC B . 1.26 -10.46 9.76
O3 GLC B . 3.36 -9.45 8.08
O4 GLC B . 6.05 -9.98 9.09
O5 GLC B . 3.95 -9.83 12.20
O6 GLC B . 6.06 -8.01 12.19
C1 AC1 B . 7.03 -8.92 8.88
O2 AC1 B . 5.72 -8.25 6.96
C2 AC1 B . 7.05 -8.57 7.38
C3 AC1 B . 7.54 -9.78 6.56
O3 AC1 B . 7.65 -9.41 5.18
C4 AC1 B . 8.90 -10.25 7.07
N4A AC1 B . 9.31 -11.44 6.30
C5 AC1 B . 8.82 -10.56 8.58
O5 AC1 B . 8.36 -9.35 9.30
C6 AC1 B . 10.21 -10.98 9.09
O4 GLC C . 17.49 -2.54 -31.47
C1 GLC C . 18.12 -2.16 -30.23
C2 GLC C . 17.13 -1.38 -29.35
C3 GLC C . 16.73 -0.07 -30.04
C4 GLC C . 17.97 0.74 -30.43
C5 GLC C . 18.91 -0.13 -31.27
C6 GLC C . 20.18 0.65 -31.61
O2 GLC C . 15.97 -2.19 -29.11
O3 GLC C . 15.94 0.71 -29.12
O4 GLC C . 17.56 1.89 -31.18
O5 GLC C . 19.27 -1.32 -30.52
O6 GLC C . 21.06 -0.15 -32.40
C1 AC1 C . 18.31 3.04 -30.76
O2 AC1 C . 16.69 3.53 -29.01
C2 AC1 C . 17.37 4.10 -30.14
C3 AC1 C . 16.31 4.53 -31.17
O3 AC1 C . 15.50 5.56 -30.62
C4 AC1 C . 17.02 5.04 -32.46
N4A AC1 C . 15.99 5.34 -33.47
C5 AC1 C . 18.02 3.99 -32.98
O5 AC1 C . 18.97 3.61 -31.93
C6 AC1 C . 18.82 4.59 -34.15
C1 GLC D . -7.33 6.74 26.18
C2 GLC D . -6.63 5.41 26.54
C3 GLC D . -5.13 5.50 26.24
C4 GLC D . -4.89 5.92 24.78
C5 GLC D . -5.64 7.23 24.51
C6 GLC D . -5.45 7.62 23.04
O1 GLC D . -6.84 7.80 27.02
O2 GLC D . -6.81 5.15 27.94
O3 GLC D . -4.51 4.23 26.48
O4 GLC D . -3.49 6.11 24.57
O5 GLC D . -7.06 7.07 24.78
O6 GLC D . -6.14 8.84 22.77
C1 GLC D . -2.92 5.03 23.81
C2 GLC D . -1.57 4.61 24.42
C3 GLC D . -0.62 5.81 24.44
C4 GLC D . -0.46 6.40 23.02
C5 GLC D . -1.85 6.68 22.39
C6 GLC D . -1.66 7.07 20.93
O2 GLC D . -1.79 4.16 25.76
O3 GLC D . 0.66 5.40 24.92
O4 GLC D . 0.33 7.60 23.07
O5 GLC D . -2.70 5.49 22.45
O6 GLC D . -2.95 7.25 20.31
C1 AC1 D . 1.53 7.49 22.29
O2 AC1 D . 2.81 6.99 24.29
C2 AC1 D . 2.76 7.84 23.14
C3 AC1 D . 2.68 9.31 23.61
O3 AC1 D . 3.89 9.65 24.29
C4 AC1 D . 2.48 10.24 22.41
N4A AC1 D . 2.32 11.62 22.89
C5 AC1 D . 1.26 9.79 21.57
O5 AC1 D . 1.43 8.39 21.15
C6 AC1 D . 1.12 10.68 20.33
O4 GLC E . -10.96 -6.26 -11.54
C1 GLC E . -10.73 -5.74 -12.87
C2 GLC E . -9.33 -6.17 -13.31
C3 GLC E . -8.25 -5.32 -12.63
C4 GLC E . -8.40 -3.89 -13.14
C5 GLC E . -9.75 -3.34 -12.64
C6 GLC E . -10.11 -2.02 -13.39
O2 GLC E . -9.16 -7.55 -12.97
O3 GLC E . -6.97 -5.81 -12.96
O4 GLC E . -7.30 -3.04 -12.71
O5 GLC E . -10.91 -4.25 -12.92
O6 GLC E . -9.13 -1.01 -13.22
C1 AC1 E . -6.51 -2.64 -13.85
O2 AC1 E . -4.96 -4.41 -13.26
C2 AC1 E . -5.03 -3.04 -13.66
C4A AC1 E . -2.76 3.52 -13.14
C3 AC1 E . -4.37 -2.17 -12.57
O3 AC1 E . -2.98 -2.48 -12.45
C4 AC1 E . -4.53 -0.68 -12.90
N4A AC1 E . -3.88 0.15 -11.86
C5 AC1 E . -6.03 -0.36 -13.03
O5 AC1 E . -6.61 -1.20 -14.11
C6 AC1 E . -6.25 1.12 -13.35
C1B AC1 E . -2.48 0.73 -11.76
C2B AC1 E . -2.28 2.14 -11.02
O2B AC1 E . -2.60 1.82 -9.67
C3B AC1 E . -3.24 3.22 -11.66
O3B AC1 E . -3.24 4.55 -11.18
O4 AC1 E . -3.83 4.00 -13.96
C5B AC1 E . -2.14 2.33 -13.91
C7B AC1 E . -2.05 1.10 -13.20
C6B AC1 E . -1.54 2.21 -15.32
O6B AC1 E . -0.24 2.76 -14.99
ZN ZN F . 7.90 -8.78 -25.48
ZN ZN G . -18.36 0.01 0.39
ZN ZN H . -0.58 15.53 9.11
ZN ZN I . -24.80 -7.65 16.81
ZN ZN J . 9.76 23.34 -7.24
ZN ZN K . -3.08 -0.54 -11.68
CA CA L . 2.65 -5.74 -21.31
C1 GLC M . -14.15 8.13 1.46
C2 GLC M . -14.85 8.61 0.16
C3 GLC M . -14.73 10.16 0.11
C4 GLC M . -15.45 10.72 1.35
C5 GLC M . -14.77 10.27 2.66
C6 GLC M . -15.38 10.74 4.00
O1 GLC M . -12.80 8.13 1.77
O2 GLC M . -14.20 7.95 -0.92
O3 GLC M . -15.38 10.57 -1.08
O4 GLC M . -15.42 12.18 1.43
O5 GLC M . -14.73 8.78 2.67
O6 GLC M . -15.87 11.06 5.30
C ACT N . 0.70 18.28 9.22
O ACT N . 0.22 17.30 8.51
OXT ACT N . 0.10 19.37 9.50
CH3 ACT N . 2.07 18.20 9.80
#